data_4GFT
#
_entry.id   4GFT
#
_cell.length_a   47.848
_cell.length_b   52.951
_cell.length_c   73.226
_cell.angle_alpha   90.00
_cell.angle_beta   90.00
_cell.angle_gamma   90.00
#
_symmetry.space_group_name_H-M   'P 21 21 21'
#
loop_
_entity.id
_entity.type
_entity.pdbx_description
1 polymer 'Myosin A tail domain interacting protein'
2 polymer Nanobody
3 non-polymer 1,2-ETHANEDIOL
4 water water
#
loop_
_entity_poly.entity_id
_entity_poly.type
_entity_poly.pdbx_seq_one_letter_code
_entity_poly.pdbx_strand_id
1 'polypeptide(L)' GDKDNVEELIKMFAHFDNNSTGYLTKSQMKNILTTWGDALTDQEAIDALNAFSSEDNIDYKLFCEDILQ A
2 'polypeptide(L)'
;(PCA)VQLQESGGGTVQPGGSLKLSCSAAPERAFSNYAMGWFRQAPGQEREFVAGITGSGRSQYYADSVKGRFTISRDNA
MNAVYLQMNSVKAEDTAVYYCAARVVPVFSDSTKGYVYWGQGTQVTVSSHHHHHHEPEA
;
B
#
loop_
_chem_comp.id
_chem_comp.type
_chem_comp.name
_chem_comp.formula
EDO non-polymer 1,2-ETHANEDIOL 'C2 H6 O2'
#
# COMPACT_ATOMS: atom_id res chain seq x y z
N ASN A 5 -13.05 -15.29 5.77
CA ASN A 5 -13.69 -14.86 4.49
C ASN A 5 -12.73 -14.75 3.30
N VAL A 6 -11.45 -14.42 3.54
CA VAL A 6 -10.43 -14.66 2.50
C VAL A 6 -10.15 -16.17 2.45
N GLU A 7 -10.18 -16.80 3.62
CA GLU A 7 -10.11 -18.25 3.72
C GLU A 7 -11.17 -18.90 2.83
N GLU A 8 -12.40 -18.39 2.92
CA GLU A 8 -13.51 -18.87 2.10
C GLU A 8 -13.26 -18.55 0.61
N LEU A 9 -12.77 -17.35 0.34
CA LEU A 9 -12.48 -16.93 -1.03
C LEU A 9 -11.52 -17.91 -1.72
N ILE A 10 -10.41 -18.23 -1.05
CA ILE A 10 -9.47 -19.21 -1.57
C ILE A 10 -10.16 -20.54 -1.86
N LYS A 11 -11.05 -20.99 -0.97
CA LYS A 11 -11.81 -22.20 -1.23
C LYS A 11 -12.64 -22.07 -2.52
N MET A 12 -13.30 -20.93 -2.70
CA MET A 12 -14.09 -20.68 -3.91
C MET A 12 -13.25 -20.65 -5.19
N PHE A 13 -12.09 -20.03 -5.14
CA PHE A 13 -11.18 -20.08 -6.27
C PHE A 13 -10.86 -21.55 -6.52
N ALA A 14 -10.56 -22.31 -5.46
CA ALA A 14 -10.21 -23.71 -5.69
C ALA A 14 -11.38 -24.50 -6.32
N HIS A 15 -12.61 -24.21 -5.88
CA HIS A 15 -13.80 -24.86 -6.48
C HIS A 15 -13.91 -24.64 -7.99
N PHE A 16 -13.54 -23.48 -8.50
CA PHE A 16 -13.60 -23.25 -9.95
C PHE A 16 -12.32 -23.60 -10.70
N ASP A 17 -11.29 -24.08 -9.99
CA ASP A 17 -10.02 -24.52 -10.60
C ASP A 17 -10.18 -26.00 -10.98
N ASN A 18 -10.73 -26.22 -12.17
CA ASN A 18 -11.20 -27.56 -12.53
C ASN A 18 -10.11 -28.68 -12.59
N ASN A 19 -8.90 -28.28 -12.97
CA ASN A 19 -7.76 -29.18 -13.07
C ASN A 19 -6.79 -29.08 -11.89
N SER A 20 -7.16 -28.30 -10.87
CA SER A 20 -6.35 -28.12 -9.66
C SER A 20 -4.91 -27.71 -9.98
N THR A 21 -4.78 -26.73 -10.86
CA THR A 21 -3.47 -26.23 -11.30
C THR A 21 -2.98 -25.12 -10.39
N GLY A 22 -3.88 -24.52 -9.63
CA GLY A 22 -3.53 -23.36 -8.78
C GLY A 22 -3.60 -22.05 -9.56
N TYR A 23 -4.00 -22.14 -10.81
CA TYR A 23 -4.14 -20.96 -11.66
C TYR A 23 -5.59 -20.74 -12.14
N LEU A 24 -6.00 -19.47 -12.19
CA LEU A 24 -7.24 -19.06 -12.84
C LEU A 24 -6.94 -17.83 -13.65
N THR A 25 -7.79 -17.56 -14.65
CA THR A 25 -7.64 -16.31 -15.43
C THR A 25 -8.12 -15.13 -14.60
N LYS A 26 -7.61 -13.96 -14.93
CA LYS A 26 -8.13 -12.76 -14.26
C LYS A 26 -9.64 -12.66 -14.35
N SER A 27 -10.17 -13.00 -15.51
CA SER A 27 -11.61 -12.93 -15.77
CA SER A 27 -11.61 -12.86 -15.71
C SER A 27 -12.40 -13.80 -14.81
N GLN A 28 -11.96 -15.02 -14.67
CA GLN A 28 -12.57 -15.98 -13.78
C GLN A 28 -12.55 -15.46 -12.38
N MET A 29 -11.42 -14.86 -11.98
CA MET A 29 -11.28 -14.36 -10.66
C MET A 29 -12.17 -13.15 -10.41
N LYS A 30 -12.31 -12.25 -11.40
CA LYS A 30 -13.22 -11.11 -11.28
C LYS A 30 -14.66 -11.57 -11.14
N ASN A 31 -15.06 -12.56 -11.94
CA ASN A 31 -16.43 -13.10 -11.89
C ASN A 31 -16.76 -13.61 -10.49
N ILE A 32 -15.77 -14.25 -9.87
CA ILE A 32 -15.92 -14.80 -8.54
C ILE A 32 -15.87 -13.72 -7.47
N LEU A 33 -14.97 -12.76 -7.63
CA LEU A 33 -14.86 -11.64 -6.69
C LEU A 33 -16.12 -10.77 -6.69
N THR A 34 -16.81 -10.67 -7.84
CA THR A 34 -18.12 -10.01 -7.88
C THR A 34 -19.09 -10.75 -6.95
N THR A 35 -19.08 -12.09 -7.01
CA THR A 35 -19.93 -12.90 -6.13
C THR A 35 -19.25 -13.09 -4.77
N TRP A 36 -19.18 -12.00 -3.98
CA TRP A 36 -18.38 -11.93 -2.73
C TRP A 36 -17.87 -10.51 -2.57
N ALA A 39 -16.56 -6.97 -1.28
CA ALA A 39 -16.10 -5.79 -0.58
C ALA A 39 -15.43 -4.78 -1.54
N LEU A 40 -14.51 -5.28 -2.36
CA LEU A 40 -13.80 -4.49 -3.38
C LEU A 40 -14.77 -3.94 -4.41
N THR A 41 -14.46 -2.77 -4.95
CA THR A 41 -15.21 -2.30 -6.10
C THR A 41 -14.79 -3.10 -7.32
N ASP A 42 -15.61 -3.09 -8.37
CA ASP A 42 -15.19 -3.76 -9.63
C ASP A 42 -13.86 -3.23 -10.08
N GLN A 43 -13.68 -1.92 -9.99
CA GLN A 43 -12.41 -1.31 -10.47
C GLN A 43 -11.23 -1.74 -9.62
N GLU A 44 -11.44 -1.84 -8.31
CA GLU A 44 -10.37 -2.31 -7.42
C GLU A 44 -9.96 -3.73 -7.74
N ALA A 45 -10.91 -4.56 -8.08
CA ALA A 45 -10.55 -5.94 -8.48
C ALA A 45 -9.68 -5.94 -9.72
N ILE A 46 -10.07 -5.18 -10.74
CA ILE A 46 -9.23 -5.02 -11.95
C ILE A 46 -7.80 -4.52 -11.59
N ASP A 47 -7.76 -3.43 -10.83
CA ASP A 47 -6.50 -2.81 -10.48
C ASP A 47 -5.62 -3.75 -9.66
N ALA A 48 -6.20 -4.44 -8.68
CA ALA A 48 -5.46 -5.39 -7.88
C ALA A 48 -4.86 -6.51 -8.68
N LEU A 49 -5.64 -7.09 -9.55
CA LEU A 49 -5.13 -8.17 -10.38
C LEU A 49 -4.05 -7.67 -11.31
N ASN A 50 -4.22 -6.48 -11.87
CA ASN A 50 -3.19 -5.92 -12.75
C ASN A 50 -1.92 -5.49 -12.01
N ALA A 51 -2.05 -5.03 -10.77
CA ALA A 51 -0.88 -4.73 -9.96
C ALA A 51 -0.08 -5.99 -9.66
N PHE A 52 -0.79 -7.07 -9.40
CA PHE A 52 -0.18 -8.32 -9.06
C PHE A 52 0.57 -8.97 -10.21
N SER A 53 0.00 -8.92 -11.41
CA SER A 53 0.62 -9.58 -12.53
C SER A 53 0.13 -9.05 -13.86
N SER A 54 1.04 -9.06 -14.84
CA SER A 54 0.73 -8.66 -16.20
CA SER A 54 0.75 -8.66 -16.21
C SER A 54 0.27 -9.83 -17.06
N GLU A 55 0.37 -11.05 -16.54
CA GLU A 55 -0.05 -12.27 -17.25
C GLU A 55 -1.51 -12.60 -16.93
N ASP A 56 -2.22 -13.22 -17.86
CA ASP A 56 -3.64 -13.50 -17.68
C ASP A 56 -3.92 -14.60 -16.68
N ASN A 57 -3.00 -15.55 -16.54
CA ASN A 57 -3.20 -16.66 -15.63
C ASN A 57 -2.55 -16.30 -14.30
N ILE A 58 -3.33 -16.42 -13.24
CA ILE A 58 -2.96 -15.93 -11.90
C ILE A 58 -2.87 -17.05 -10.88
N ASP A 59 -1.79 -17.09 -10.11
CA ASP A 59 -1.64 -17.99 -8.96
C ASP A 59 -2.53 -17.40 -7.87
N TYR A 60 -3.75 -17.92 -7.78
CA TYR A 60 -4.74 -17.26 -6.92
C TYR A 60 -4.39 -17.30 -5.44
N LYS A 61 -3.69 -18.34 -5.00
CA LYS A 61 -3.28 -18.42 -3.60
C LYS A 61 -2.29 -17.34 -3.26
N LEU A 62 -1.34 -17.13 -4.16
CA LEU A 62 -0.32 -16.10 -3.96
C LEU A 62 -0.94 -14.71 -4.05
N PHE A 63 -1.90 -14.57 -4.95
CA PHE A 63 -2.65 -13.28 -5.06
C PHE A 63 -3.33 -12.96 -3.75
N CYS A 64 -3.97 -13.95 -3.17
CA CYS A 64 -4.68 -13.71 -1.93
C CYS A 64 -3.69 -13.36 -0.82
N GLU A 65 -2.60 -14.12 -0.75
CA GLU A 65 -1.59 -13.86 0.28
C GLU A 65 -1.00 -12.45 0.20
N ASP A 66 -0.64 -12.03 -1.00
CA ASP A 66 -0.01 -10.74 -1.23
C ASP A 66 -0.98 -9.59 -1.17
N ILE A 67 -2.13 -9.71 -1.82
CA ILE A 67 -3.01 -8.54 -2.02
C ILE A 67 -4.09 -8.43 -0.98
N LEU A 68 -4.57 -9.57 -0.48
CA LEU A 68 -5.74 -9.60 0.39
C LEU A 68 -5.51 -9.90 1.85
N GLN A 69 -4.34 -10.42 2.21
CA GLN A 69 -4.08 -10.88 3.58
C GLN A 69 -3.04 -10.03 4.30
N PCA B 1 -11.02 2.45 -6.12
CA PCA B 1 -9.65 2.99 -6.21
CB PCA B 1 -9.57 3.62 -7.58
CG PCA B 1 -10.62 2.86 -8.36
CD PCA B 1 -11.59 2.37 -7.30
OE PCA B 1 -12.73 2.00 -7.56
C PCA B 1 -9.31 4.01 -5.17
O PCA B 1 -10.20 4.51 -4.46
N VAL B 2 -8.04 4.39 -5.08
CA VAL B 2 -7.66 5.53 -4.26
C VAL B 2 -6.70 6.38 -5.05
N GLN B 3 -7.04 7.65 -5.28
CA GLN B 3 -6.07 8.60 -5.82
C GLN B 3 -5.30 9.09 -4.62
N LEU B 4 -3.98 9.24 -4.77
CA LEU B 4 -3.10 9.60 -3.66
C LEU B 4 -2.14 10.71 -4.08
N GLN B 5 -2.00 11.74 -3.27
CA GLN B 5 -1.10 12.83 -3.57
C GLN B 5 -0.39 13.27 -2.29
N GLU B 6 0.93 13.20 -2.31
CA GLU B 6 1.77 13.64 -1.20
C GLU B 6 2.02 15.13 -1.25
N SER B 7 2.32 15.66 -0.09
CA SER B 7 2.75 17.03 0.06
C SER B 7 3.66 17.15 1.29
N GLY B 8 4.33 18.28 1.40
CA GLY B 8 5.22 18.50 2.55
C GLY B 8 6.68 18.19 2.30
N GLY B 9 7.04 17.82 1.08
CA GLY B 9 8.44 17.54 0.80
C GLY B 9 9.29 18.78 0.88
N GLY B 10 10.59 18.58 0.95
CA GLY B 10 11.53 19.69 0.96
C GLY B 10 12.79 19.31 1.70
N THR B 11 13.49 20.35 2.17
CA THR B 11 14.80 20.20 2.78
C THR B 11 14.67 20.38 4.30
N VAL B 12 15.42 19.60 5.04
CA VAL B 12 15.40 19.61 6.48
C VAL B 12 16.84 19.36 6.95
N GLN B 13 17.26 20.04 8.01
CA GLN B 13 18.58 19.83 8.59
C GLN B 13 18.70 18.48 9.27
N PRO B 14 19.92 17.90 9.27
CA PRO B 14 20.11 16.73 10.12
C PRO B 14 19.67 17.01 11.55
N GLY B 15 18.93 16.06 12.11
CA GLY B 15 18.41 16.17 13.45
C GLY B 15 17.07 16.85 13.53
N GLY B 16 16.61 17.40 12.40
CA GLY B 16 15.39 18.19 12.36
C GLY B 16 14.15 17.33 12.18
N SER B 17 13.04 18.01 11.95
CA SER B 17 11.71 17.34 11.82
C SER B 17 11.00 17.89 10.59
N LEU B 18 10.18 17.03 9.96
CA LEU B 18 9.41 17.38 8.78
C LEU B 18 8.18 16.48 8.80
N LYS B 19 7.03 16.95 8.36
CA LYS B 19 5.89 16.08 8.31
C LYS B 19 5.30 16.01 6.92
N LEU B 20 5.17 14.81 6.38
CA LEU B 20 4.56 14.59 5.09
C LEU B 20 3.10 14.30 5.25
N SER B 21 2.31 14.77 4.29
CA SER B 21 0.87 14.46 4.23
C SER B 21 0.62 13.72 2.89
N CYS B 22 -0.44 12.94 2.88
CA CYS B 22 -0.89 12.24 1.69
C CYS B 22 -2.39 12.32 1.72
N SER B 23 -2.97 12.94 0.71
CA SER B 23 -4.40 13.06 0.61
C SER B 23 -4.89 11.95 -0.30
N ALA B 24 -6.04 11.39 0.08
CA ALA B 24 -6.57 10.22 -0.58
C ALA B 24 -7.97 10.52 -1.05
N ALA B 25 -8.28 10.04 -2.24
CA ALA B 25 -9.65 10.14 -2.76
C ALA B 25 -10.09 8.73 -3.04
N PRO B 26 -10.65 8.05 -2.01
CA PRO B 26 -11.01 6.65 -2.14
C PRO B 26 -12.44 6.47 -2.59
N GLU B 27 -12.75 5.37 -3.30
CA GLU B 27 -14.11 5.15 -3.76
C GLU B 27 -15.00 4.63 -2.64
N ARG B 28 -14.42 3.89 -1.71
CA ARG B 28 -15.11 3.42 -0.53
C ARG B 28 -14.60 4.21 0.66
N ALA B 29 -15.17 4.00 1.85
CA ALA B 29 -14.69 4.80 3.00
C ALA B 29 -13.21 4.54 3.19
N PHE B 30 -12.46 5.55 3.59
CA PHE B 30 -11.00 5.40 3.71
C PHE B 30 -10.51 4.34 4.72
N SER B 31 -11.30 4.06 5.72
CA SER B 31 -10.96 3.05 6.73
C SER B 31 -10.91 1.63 6.19
N ASN B 32 -11.39 1.43 4.98
CA ASN B 32 -11.19 0.16 4.28
C ASN B 32 -9.81 -0.11 3.71
N TYR B 33 -8.96 0.91 3.70
CA TYR B 33 -7.69 0.85 2.99
C TYR B 33 -6.53 1.02 3.94
N ALA B 34 -5.73 -0.03 4.14
CA ALA B 34 -4.47 0.15 4.86
C ALA B 34 -3.49 0.98 4.03
N MET B 35 -2.68 1.79 4.72
CA MET B 35 -1.83 2.74 4.02
C MET B 35 -0.40 2.49 4.43
N GLY B 36 0.55 2.83 3.55
CA GLY B 36 1.93 2.76 3.85
C GLY B 36 2.74 3.88 3.23
N TRP B 37 3.88 4.15 3.85
CA TRP B 37 4.88 5.00 3.28
C TRP B 37 6.06 4.17 2.87
N PHE B 38 6.54 4.45 1.66
CA PHE B 38 7.70 3.83 1.06
C PHE B 38 8.63 4.95 0.62
N ARG B 39 9.88 4.61 0.47
CA ARG B 39 10.87 5.57 -0.06
C ARG B 39 11.84 4.94 -1.02
N GLN B 40 12.34 5.77 -1.92
CA GLN B 40 13.26 5.34 -2.91
C GLN B 40 14.36 6.38 -3.01
N ALA B 41 15.53 5.98 -2.53
CA ALA B 41 16.76 6.76 -2.60
C ALA B 41 17.32 6.68 -4.03
N PRO B 42 18.26 7.58 -4.37
CA PRO B 42 18.71 7.62 -5.76
C PRO B 42 19.24 6.27 -6.26
N GLY B 43 18.66 5.79 -7.37
CA GLY B 43 19.09 4.56 -8.01
C GLY B 43 18.98 3.32 -7.14
N GLN B 44 17.97 3.28 -6.28
CA GLN B 44 17.79 2.19 -5.33
C GLN B 44 16.38 1.67 -5.50
N GLU B 45 16.11 0.51 -4.92
CA GLU B 45 14.76 -0.04 -4.92
C GLU B 45 13.90 0.73 -3.90
N ARG B 46 12.62 0.73 -4.16
CA ARG B 46 11.67 1.36 -3.27
C ARG B 46 11.52 0.51 -2.01
N GLU B 47 11.56 1.12 -0.82
CA GLU B 47 11.58 0.36 0.43
C GLU B 47 10.50 0.81 1.42
N PHE B 48 10.03 -0.14 2.20
CA PHE B 48 9.03 0.14 3.23
C PHE B 48 9.58 1.01 4.36
N VAL B 49 8.81 2.02 4.75
CA VAL B 49 9.11 2.90 5.85
C VAL B 49 8.16 2.69 7.02
N ALA B 50 6.86 2.73 6.77
CA ALA B 50 5.86 2.68 7.85
C ALA B 50 4.52 2.34 7.27
N GLY B 51 3.69 1.68 8.07
CA GLY B 51 2.37 1.26 7.64
C GLY B 51 1.36 1.39 8.75
N ILE B 52 0.10 1.49 8.36
CA ILE B 52 -0.98 1.71 9.31
C ILE B 52 -2.20 0.99 8.80
N THR B 53 -2.93 0.41 9.73
CA THR B 53 -4.14 -0.30 9.33
C THR B 53 -5.24 0.69 8.95
N GLY B 54 -6.28 0.19 8.31
CA GLY B 54 -7.42 1.01 7.90
C GLY B 54 -8.01 1.89 8.96
N SER B 55 -8.19 1.32 10.16
CA SER B 55 -8.74 2.04 11.28
C SER B 55 -7.77 3.01 11.97
N GLY B 56 -6.49 2.90 11.66
CA GLY B 56 -5.45 3.61 12.37
C GLY B 56 -4.98 3.01 13.67
N ARG B 57 -5.57 1.90 14.10
CA ARG B 57 -5.32 1.40 15.43
C ARG B 57 -3.98 0.67 15.64
N SER B 58 -3.34 0.26 14.56
CA SER B 58 -2.03 -0.36 14.60
C SER B 58 -1.10 0.29 13.59
N GLN B 59 0.10 0.62 14.05
CA GLN B 59 1.13 1.26 13.24
C GLN B 59 2.39 0.35 13.28
N TYR B 60 3.13 0.30 12.17
CA TYR B 60 4.32 -0.54 12.00
C TYR B 60 5.40 0.25 11.32
N TYR B 61 6.63 -0.01 11.70
CA TYR B 61 7.80 0.71 11.21
C TYR B 61 8.96 -0.22 10.81
N ALA B 62 9.66 0.21 9.73
CA ALA B 62 10.95 -0.27 9.39
C ALA B 62 11.89 -0.08 10.58
N ASP B 63 12.74 -1.08 10.82
CA ASP B 63 13.67 -1.04 11.94
C ASP B 63 14.48 0.25 11.93
N SER B 64 14.89 0.70 10.76
CA SER B 64 15.78 1.84 10.72
C SER B 64 15.12 3.18 11.01
N VAL B 65 13.77 3.23 11.03
CA VAL B 65 13.07 4.45 11.41
C VAL B 65 12.29 4.35 12.72
N LYS B 66 12.28 3.18 13.32
CA LYS B 66 11.46 2.98 14.52
C LYS B 66 11.96 3.93 15.62
N GLY B 67 11.04 4.65 16.26
CA GLY B 67 11.42 5.58 17.34
C GLY B 67 11.79 6.96 16.81
N ARG B 68 11.82 7.13 15.50
CA ARG B 68 12.06 8.45 14.90
C ARG B 68 10.89 8.93 14.04
N PHE B 69 10.27 8.03 13.30
CA PHE B 69 9.17 8.38 12.43
C PHE B 69 7.87 7.89 13.05
N THR B 70 6.79 8.63 12.76
CA THR B 70 5.46 8.29 13.29
C THR B 70 4.46 8.40 12.16
N ILE B 71 3.62 7.38 12.03
CA ILE B 71 2.60 7.37 10.99
C ILE B 71 1.25 7.53 11.66
N SER B 72 0.38 8.27 11.02
CA SER B 72 -0.98 8.45 11.53
C SER B 72 -1.91 8.75 10.37
N ARG B 73 -3.20 8.67 10.64
CA ARG B 73 -4.17 8.94 9.62
C ARG B 73 -5.42 9.55 10.22
N ASP B 74 -6.09 10.37 9.43
CA ASP B 74 -7.32 10.99 9.83
C ASP B 74 -8.35 10.61 8.79
N ASN B 75 -9.17 9.61 9.11
CA ASN B 75 -10.15 9.14 8.13
C ASN B 75 -11.23 10.15 7.80
N ALA B 76 -11.54 11.03 8.76
CA ALA B 76 -12.48 12.14 8.54
C ALA B 76 -11.98 13.21 7.56
N MET B 77 -10.69 13.24 7.27
CA MET B 77 -10.09 14.18 6.34
C MET B 77 -9.46 13.48 5.12
N ASN B 78 -9.64 12.16 5.04
CA ASN B 78 -9.00 11.33 4.00
C ASN B 78 -7.49 11.60 3.86
N ALA B 79 -6.78 11.57 4.97
CA ALA B 79 -5.36 11.84 4.97
C ALA B 79 -4.55 10.89 5.81
N VAL B 80 -3.28 10.71 5.41
CA VAL B 80 -2.30 9.95 6.14
C VAL B 80 -1.06 10.79 6.20
N TYR B 81 -0.34 10.64 7.27
CA TYR B 81 0.78 11.51 7.63
C TYR B 81 2.01 10.70 7.99
N LEU B 82 3.18 11.28 7.73
CA LEU B 82 4.44 10.70 8.22
C LEU B 82 5.24 11.82 8.90
N GLN B 83 5.34 11.74 10.20
CA GLN B 83 6.15 12.68 10.99
C GLN B 83 7.56 12.12 11.00
N MET B 84 8.50 12.89 10.49
CA MET B 84 9.87 12.45 10.48
C MET B 84 10.59 13.31 11.53
N ASN B 85 11.11 12.69 12.59
CA ASN B 85 11.95 13.40 13.59
C ASN B 85 13.39 12.87 13.59
N SER B 86 14.33 13.58 14.21
CA SER B 86 15.72 13.16 14.26
C SER B 86 16.21 12.64 12.92
N VAL B 87 15.96 13.39 11.85
CA VAL B 87 16.29 12.90 10.53
C VAL B 87 17.82 12.77 10.32
N LYS B 88 18.19 11.82 9.48
CA LYS B 88 19.57 11.43 9.21
C LYS B 88 19.78 11.42 7.71
N ALA B 89 21.05 11.37 7.29
CA ALA B 89 21.39 11.28 5.86
C ALA B 89 20.70 10.14 5.12
N GLU B 90 20.68 8.97 5.75
CA GLU B 90 20.00 7.83 5.19
C GLU B 90 18.56 8.13 4.79
N ASP B 91 17.96 9.18 5.34
CA ASP B 91 16.54 9.41 5.07
C ASP B 91 16.24 10.20 3.79
N THR B 92 17.24 10.72 3.10
CA THR B 92 17.03 11.46 1.87
C THR B 92 16.50 10.53 0.81
N ALA B 93 15.36 10.86 0.21
CA ALA B 93 14.71 9.97 -0.77
C ALA B 93 13.49 10.63 -1.31
N VAL B 94 12.92 10.03 -2.35
CA VAL B 94 11.58 10.31 -2.77
C VAL B 94 10.62 9.41 -1.95
N TYR B 95 9.66 10.03 -1.31
CA TYR B 95 8.73 9.33 -0.42
C TYR B 95 7.44 9.15 -1.18
N TYR B 96 6.85 7.97 -1.07
CA TYR B 96 5.57 7.68 -1.71
C TYR B 96 4.59 7.17 -0.67
N CYS B 97 3.35 7.61 -0.73
CA CYS B 97 2.31 6.91 0.02
C CYS B 97 1.60 5.91 -0.90
N ALA B 98 1.05 4.86 -0.30
CA ALA B 98 0.49 3.73 -1.04
C ALA B 98 -0.66 3.15 -0.25
N ALA B 99 -1.64 2.61 -0.97
CA ALA B 99 -2.84 2.04 -0.40
C ALA B 99 -3.00 0.57 -0.83
N ARG B 100 -3.38 -0.28 0.15
CA ARG B 100 -3.85 -1.60 -0.13
C ARG B 100 -5.35 -1.53 -0.37
N VAL B 101 -5.94 -2.63 -0.83
CA VAL B 101 -7.39 -2.71 -1.04
C VAL B 101 -8.09 -3.40 0.10
N VAL B 102 -7.33 -3.68 1.16
CA VAL B 102 -7.82 -4.25 2.39
C VAL B 102 -7.30 -3.44 3.56
N PRO B 103 -7.97 -3.55 4.70
CA PRO B 103 -7.57 -2.70 5.83
C PRO B 103 -6.44 -3.26 6.70
N VAL B 104 -6.02 -4.50 6.44
CA VAL B 104 -4.94 -5.10 7.25
C VAL B 104 -3.55 -4.74 6.72
N PHE B 105 -2.58 -4.78 7.62
CA PHE B 105 -1.23 -4.25 7.33
C PHE B 105 -0.38 -5.13 6.41
N SER B 106 0.43 -4.49 5.54
CA SER B 106 1.54 -5.21 4.89
C SER B 106 2.78 -4.35 4.86
N ASP B 107 3.93 -5.00 4.93
CA ASP B 107 5.23 -4.33 4.82
C ASP B 107 5.92 -4.51 3.48
N SER B 108 5.20 -5.06 2.51
CA SER B 108 5.80 -5.38 1.23
C SER B 108 5.22 -4.56 0.11
N THR B 109 6.05 -4.10 -0.82
CA THR B 109 5.47 -3.35 -1.96
C THR B 109 4.45 -4.21 -2.69
N LYS B 110 4.62 -5.52 -2.63
CA LYS B 110 3.68 -6.43 -3.30
C LYS B 110 2.27 -6.44 -2.71
N GLY B 111 2.11 -5.87 -1.53
CA GLY B 111 0.81 -5.76 -0.94
C GLY B 111 -0.01 -4.57 -1.33
N TYR B 112 0.53 -3.66 -2.13
CA TYR B 112 -0.07 -2.39 -2.38
C TYR B 112 -0.49 -2.23 -3.82
N VAL B 113 -1.65 -1.62 -4.02
CA VAL B 113 -2.27 -1.48 -5.33
C VAL B 113 -2.18 -0.06 -5.91
N TYR B 114 -2.31 0.94 -5.05
CA TYR B 114 -2.35 2.33 -5.45
C TYR B 114 -1.19 3.07 -4.85
N TRP B 115 -0.64 3.99 -5.64
CA TRP B 115 0.57 4.73 -5.28
C TRP B 115 0.34 6.20 -5.50
N GLY B 116 1.05 7.00 -4.73
CA GLY B 116 1.02 8.42 -4.89
C GLY B 116 1.92 8.84 -6.07
N GLN B 117 2.40 10.07 -6.00
CA GLN B 117 3.19 10.68 -7.05
C GLN B 117 4.67 10.63 -6.71
N GLY B 118 4.96 10.74 -5.43
CA GLY B 118 6.32 10.92 -4.95
C GLY B 118 6.65 12.35 -4.57
N THR B 119 7.27 12.52 -3.41
CA THR B 119 7.75 13.82 -3.00
C THR B 119 9.17 13.71 -2.42
N GLN B 120 10.03 14.64 -2.81
CA GLN B 120 11.43 14.61 -2.39
C GLN B 120 11.59 15.13 -0.98
N VAL B 121 12.31 14.39 -0.15
CA VAL B 121 12.75 14.87 1.12
C VAL B 121 14.30 14.83 1.10
N THR B 122 14.92 15.96 1.35
CA THR B 122 16.37 16.06 1.36
C THR B 122 16.88 16.41 2.72
N VAL B 123 17.71 15.56 3.30
CA VAL B 123 18.35 15.97 4.54
C VAL B 123 19.74 16.52 4.28
N SER B 124 19.86 17.81 4.54
CA SER B 124 21.05 18.57 4.17
C SER B 124 21.30 19.63 5.19
N SER B 125 22.56 19.83 5.52
CA SER B 125 22.99 20.84 6.49
C SER B 125 22.89 22.24 5.93
N HIS B 126 22.69 22.39 4.62
CA HIS B 126 22.41 23.70 3.97
C HIS B 126 23.13 23.88 2.64
C1 EDO C . -18.41 1.52 2.38
O1 EDO C . -17.63 2.66 2.03
C2 EDO C . -17.53 0.55 3.17
O2 EDO C . -17.16 1.10 4.44
C1 EDO D . 10.66 -0.42 -7.10
O1 EDO D . 12.02 -0.42 -6.62
C2 EDO D . 10.30 0.88 -7.84
O2 EDO D . 11.26 1.19 -8.86
#